data_7X5M
#
_entry.id   7X5M
#
_cell.length_a   1.00
_cell.length_b   1.00
_cell.length_c   1.00
_cell.angle_alpha   90.00
_cell.angle_beta   90.00
_cell.angle_gamma   90.00
#
_symmetry.space_group_name_H-M   'P 1'
#
loop_
_entity.id
_entity.type
_entity.pdbx_description
1 polymer "DNA (5'-D(P*AP*TP*TP*AP*A)-3')"
2 polymer "DNA (5'-D(P*AP*TP*TP*TP*A)-3')"
3 polymer 'Flax rust resistance protein'
4 non-polymer "2',3'- cyclic AMP"
#
loop_
_entity_poly.entity_id
_entity_poly.type
_entity_poly.pdbx_seq_one_letter_code
_entity_poly.pdbx_strand_id
1 'polydeoxyribonucleotide' (DA)(DT)(DT)(DA)(DA) C
2 'polydeoxyribonucleotide' (DA)(DT)(DT)(DT)(DA) E
3 'polypeptide(L)'
;NSKDSIVNDDDDSTSEVDAIPDSTNPSGSFPSVEYDVFLSFRGPDTRKQFTDFLYHFLCYYKIHTFRDDDELRKGKEIGP
NLLRAIDQSKIYVPIISSGYADSKWCLMELAEIVRRQEEDPRRIILPIFYMVDPSDVRHQTGCYKKAFRKHANKFDGQTI
QNWKDALKKVGDLKGWHIGKDDEQGAIADKVSADIWSHISKENL
;
B,F
#
# COMPACT_ATOMS: atom_id res chain seq x y z
N VAL C 33 8.79 -25.36 25.38
CA VAL C 33 9.71 -24.27 25.10
C VAL C 33 9.27 -23.57 23.82
N GLU C 34 8.65 -24.32 22.92
CA GLU C 34 8.11 -23.76 21.70
C GLU C 34 6.70 -23.25 21.93
N TYR C 35 6.14 -22.60 20.92
CA TYR C 35 4.78 -22.10 21.01
C TYR C 35 3.79 -23.25 20.89
N ASP C 36 2.68 -23.14 21.61
CA ASP C 36 1.60 -24.12 21.50
C ASP C 36 0.29 -23.54 20.98
N VAL C 37 0.10 -22.21 21.06
CA VAL C 37 -1.12 -21.57 20.60
C VAL C 37 -0.74 -20.35 19.79
N PHE C 38 -1.31 -20.21 18.60
CA PHE C 38 -1.04 -19.08 17.72
C PHE C 38 -2.34 -18.34 17.45
N LEU C 39 -2.37 -17.05 17.74
CA LEU C 39 -3.56 -16.23 17.55
C LEU C 39 -3.47 -15.50 16.22
N SER C 40 -4.50 -14.70 15.93
CA SER C 40 -4.59 -13.87 14.75
C SER C 40 -5.84 -13.01 14.88
N PHE C 41 -5.76 -11.75 14.45
CA PHE C 41 -6.84 -10.82 14.69
C PHE C 41 -6.70 -9.61 13.78
N ARG C 42 -7.69 -8.74 13.83
CA ARG C 42 -7.63 -7.49 13.10
C ARG C 42 -6.63 -6.55 13.76
N GLY C 43 -6.32 -5.47 13.06
CA GLY C 43 -5.40 -4.49 13.57
C GLY C 43 -5.95 -3.73 14.77
N PRO C 44 -6.77 -2.71 14.52
CA PRO C 44 -7.17 -1.82 15.60
C PRO C 44 -8.52 -2.15 16.21
N ASP C 45 -9.28 -3.05 15.58
CA ASP C 45 -10.66 -3.26 16.00
C ASP C 45 -10.74 -4.02 17.32
N THR C 46 -9.98 -5.10 17.46
CA THR C 46 -10.03 -5.95 18.64
C THR C 46 -8.64 -6.25 19.15
N ARG C 47 -7.79 -5.23 19.23
CA ARG C 47 -6.44 -5.40 19.75
C ARG C 47 -6.32 -5.04 21.22
N LYS C 48 -7.27 -4.26 21.77
CA LYS C 48 -7.11 -3.78 23.13
C LYS C 48 -8.40 -3.84 23.94
N GLN C 49 -9.30 -4.79 23.67
CA GLN C 49 -10.48 -4.90 24.50
C GLN C 49 -10.80 -6.35 24.84
N PHE C 50 -10.84 -7.23 23.83
CA PHE C 50 -11.11 -8.64 24.06
C PHE C 50 -9.92 -9.55 23.83
N THR C 51 -9.13 -9.31 22.79
CA THR C 51 -7.96 -10.15 22.57
C THR C 51 -7.00 -10.07 23.75
N ASP C 52 -6.79 -8.86 24.27
CA ASP C 52 -5.91 -8.71 25.43
C ASP C 52 -6.52 -9.37 26.66
N PHE C 53 -7.83 -9.22 26.87
CA PHE C 53 -8.51 -9.85 27.98
C PHE C 53 -8.42 -11.37 27.93
N LEU C 54 -7.85 -11.93 26.86
CA LEU C 54 -7.67 -13.37 26.71
C LEU C 54 -6.22 -13.77 26.92
N TYR C 55 -5.29 -13.11 26.23
CA TYR C 55 -3.88 -13.52 26.30
C TYR C 55 -3.36 -13.49 27.72
N HIS C 56 -3.72 -12.46 28.49
CA HIS C 56 -3.34 -12.43 29.90
C HIS C 56 -3.97 -13.59 30.65
N PHE C 57 -5.27 -13.83 30.43
CA PHE C 57 -5.94 -14.92 31.12
C PHE C 57 -5.32 -16.26 30.79
N LEU C 58 -4.84 -16.42 29.56
CA LEU C 58 -4.26 -17.70 29.17
C LEU C 58 -2.94 -17.95 29.89
N CYS C 59 -2.14 -16.90 30.09
CA CYS C 59 -0.86 -17.07 30.76
C CYS C 59 -1.05 -17.49 32.22
N TYR C 60 -2.23 -17.29 32.79
CA TYR C 60 -2.50 -17.76 34.13
C TYR C 60 -2.86 -19.24 34.17
N TYR C 61 -2.84 -19.93 33.03
CA TYR C 61 -2.99 -21.38 32.99
C TYR C 61 -1.73 -22.06 32.48
N LYS C 62 -0.62 -21.33 32.37
CA LYS C 62 0.70 -21.88 32.06
C LYS C 62 0.72 -22.53 30.68
N ILE C 63 0.69 -21.67 29.66
CA ILE C 63 0.91 -22.07 28.28
C ILE C 63 1.46 -20.87 27.52
N HIS C 64 2.60 -21.06 26.86
CA HIS C 64 3.25 -19.96 26.16
C HIS C 64 2.47 -19.61 24.90
N THR C 65 1.90 -18.41 24.87
CA THR C 65 1.03 -17.97 23.79
C THR C 65 1.73 -16.91 22.95
N PHE C 66 1.66 -17.04 21.64
CA PHE C 66 2.36 -16.17 20.72
C PHE C 66 1.38 -15.26 20.01
N ARG C 67 1.54 -13.95 20.19
CA ARG C 67 0.87 -12.95 19.36
C ARG C 67 1.91 -11.91 18.95
N ASP C 68 1.73 -11.33 17.78
CA ASP C 68 2.71 -10.43 17.20
C ASP C 68 2.11 -9.04 17.01
N ASP C 69 2.94 -8.02 17.21
CA ASP C 69 2.51 -6.63 17.12
C ASP C 69 3.18 -5.84 16.01
N ASP C 70 4.34 -6.28 15.51
CA ASP C 70 4.99 -5.59 14.41
C ASP C 70 4.21 -5.80 13.14
N GLU C 71 3.98 -4.72 12.39
CA GLU C 71 3.12 -4.75 11.22
C GLU C 71 3.78 -5.37 10.00
N LEU C 72 4.96 -5.97 10.16
CA LEU C 72 5.72 -6.56 9.06
C LEU C 72 5.92 -5.56 7.93
N ARG C 73 5.23 -5.78 6.81
CA ARG C 73 5.32 -4.95 5.61
C ARG C 73 6.71 -5.05 4.97
N LYS C 74 7.70 -5.50 5.71
CA LYS C 74 9.07 -5.62 5.22
C LYS C 74 9.19 -6.77 4.24
N GLY C 75 8.47 -6.68 3.13
CA GLY C 75 8.45 -7.74 2.13
C GLY C 75 7.02 -8.17 1.82
N LYS C 76 6.85 -9.47 1.59
CA LYS C 76 5.54 -10.05 1.34
C LYS C 76 5.17 -11.13 2.34
N GLU C 77 6.13 -11.93 2.79
CA GLU C 77 5.89 -12.89 3.87
C GLU C 77 7.23 -13.11 4.56
N ILE C 78 7.37 -12.56 5.78
CA ILE C 78 8.66 -12.57 6.45
C ILE C 78 9.04 -13.99 6.86
N GLY C 79 10.33 -14.19 7.10
CA GLY C 79 10.86 -15.50 7.37
C GLY C 79 10.67 -15.94 8.81
N PRO C 80 11.76 -15.94 9.58
CA PRO C 80 11.73 -16.58 10.91
C PRO C 80 10.93 -15.80 11.95
N ASN C 81 9.76 -15.29 11.56
CA ASN C 81 8.88 -14.63 12.50
C ASN C 81 7.51 -15.31 12.37
N LEU C 82 6.63 -14.83 11.49
CA LEU C 82 5.35 -15.48 11.30
C LEU C 82 5.54 -16.91 10.81
N LEU C 83 6.32 -17.10 9.74
CA LEU C 83 6.51 -18.44 9.19
C LEU C 83 7.16 -19.39 10.19
N ARG C 84 7.84 -18.87 11.20
CA ARG C 84 8.36 -19.75 12.25
C ARG C 84 7.23 -20.27 13.11
N ALA C 85 6.45 -19.36 13.70
CA ALA C 85 5.42 -19.76 14.65
C ALA C 85 4.28 -20.54 14.01
N ILE C 86 4.09 -20.40 12.69
CA ILE C 86 3.01 -21.13 12.03
C ILE C 86 3.26 -22.64 12.12
N ASP C 87 4.44 -23.08 11.70
CA ASP C 87 4.77 -24.50 11.72
C ASP C 87 5.17 -24.99 13.11
N GLN C 88 5.32 -24.11 14.08
CA GLN C 88 5.66 -24.54 15.43
C GLN C 88 4.45 -24.62 16.35
N SER C 89 3.36 -23.93 16.03
CA SER C 89 2.21 -23.86 16.91
C SER C 89 1.47 -25.20 16.92
N LYS C 90 0.41 -25.26 17.71
CA LYS C 90 -0.38 -26.48 17.83
C LYS C 90 -1.87 -26.25 17.62
N ILE C 91 -2.45 -25.22 18.23
CA ILE C 91 -3.89 -25.00 18.20
C ILE C 91 -4.13 -23.60 17.65
N TYR C 92 -4.40 -23.50 16.36
CA TYR C 92 -4.67 -22.21 15.74
C TYR C 92 -6.03 -21.69 16.20
N VAL C 93 -6.08 -20.43 16.63
CA VAL C 93 -7.32 -19.86 17.15
C VAL C 93 -7.60 -18.53 16.46
N PRO C 94 -8.07 -18.53 15.22
CA PRO C 94 -8.32 -17.26 14.55
C PRO C 94 -9.57 -16.59 15.08
N ILE C 95 -9.47 -15.28 15.30
CA ILE C 95 -10.56 -14.50 15.86
C ILE C 95 -11.14 -13.59 14.76
N ILE C 96 -12.06 -14.13 13.97
CA ILE C 96 -12.69 -13.35 12.92
C ILE C 96 -13.47 -12.20 13.53
N SER C 97 -13.31 -11.01 12.98
CA SER C 97 -13.99 -9.81 13.45
C SER C 97 -14.95 -9.31 12.37
N SER C 98 -15.26 -8.01 12.42
CA SER C 98 -16.16 -7.39 11.46
C SER C 98 -15.43 -6.72 10.31
N GLY C 99 -14.14 -6.43 10.47
CA GLY C 99 -13.36 -5.83 9.41
C GLY C 99 -12.11 -6.65 9.13
N TYR C 100 -12.22 -7.96 9.30
CA TYR C 100 -11.10 -8.87 9.10
C TYR C 100 -10.78 -9.11 7.64
N ALA C 101 -11.53 -8.51 6.72
CA ALA C 101 -11.39 -8.81 5.30
C ALA C 101 -10.59 -7.76 4.55
N ASP C 102 -10.15 -6.70 5.21
CA ASP C 102 -9.49 -5.60 4.52
C ASP C 102 -7.98 -5.71 4.51
N SER C 103 -7.35 -5.88 5.67
CA SER C 103 -5.90 -5.91 5.76
C SER C 103 -5.36 -7.09 4.97
N LYS C 104 -4.73 -6.80 3.83
CA LYS C 104 -4.26 -7.86 2.93
C LYS C 104 -3.23 -8.78 3.58
N TRP C 105 -2.68 -8.40 4.73
CA TRP C 105 -1.79 -9.32 5.43
C TRP C 105 -2.59 -10.42 6.12
N CYS C 106 -3.77 -10.09 6.63
CA CYS C 106 -4.53 -11.05 7.42
C CYS C 106 -5.00 -12.22 6.56
N LEU C 107 -5.70 -11.93 5.47
CA LEU C 107 -6.27 -13.00 4.65
C LEU C 107 -5.19 -13.95 4.15
N MET C 108 -4.25 -13.44 3.35
CA MET C 108 -3.23 -14.29 2.76
C MET C 108 -2.31 -14.91 3.81
N GLU C 109 -2.47 -14.54 5.08
CA GLU C 109 -1.89 -15.31 6.17
C GLU C 109 -2.84 -16.39 6.64
N LEU C 110 -4.14 -16.08 6.73
CA LEU C 110 -5.11 -17.12 7.08
C LEU C 110 -5.18 -18.19 6.01
N ALA C 111 -4.99 -17.81 4.75
CA ALA C 111 -4.91 -18.80 3.68
C ALA C 111 -3.74 -19.75 3.87
N GLU C 112 -2.80 -19.41 4.76
CA GLU C 112 -1.71 -20.32 5.10
C GLU C 112 -2.04 -21.21 6.28
N ILE C 113 -2.90 -20.75 7.19
CA ILE C 113 -3.34 -21.61 8.28
C ILE C 113 -4.14 -22.78 7.73
N VAL C 114 -5.25 -22.50 7.05
CA VAL C 114 -6.13 -23.55 6.59
C VAL C 114 -5.49 -24.39 5.50
N ARG C 115 -4.47 -23.87 4.81
CA ARG C 115 -3.77 -24.68 3.83
C ARG C 115 -2.81 -25.65 4.52
N ARG C 116 -2.09 -25.18 5.53
CA ARG C 116 -1.23 -26.07 6.32
C ARG C 116 -2.06 -27.06 7.12
N GLN C 117 -3.32 -26.75 7.40
CA GLN C 117 -4.16 -27.67 8.16
C GLN C 117 -4.52 -28.90 7.35
N GLU C 118 -4.90 -28.72 6.08
CA GLU C 118 -5.31 -29.83 5.24
C GLU C 118 -4.17 -30.80 4.94
N GLU C 119 -2.93 -30.43 5.26
CA GLU C 119 -1.81 -31.36 5.05
C GLU C 119 -1.75 -32.39 6.18
N ASP C 120 -1.75 -31.92 7.42
CA ASP C 120 -1.74 -32.81 8.59
C ASP C 120 -2.93 -32.47 9.48
N PRO C 121 -3.98 -33.29 9.49
CA PRO C 121 -5.16 -32.95 10.30
C PRO C 121 -5.00 -33.26 11.77
N ARG C 122 -3.76 -33.42 12.24
CA ARG C 122 -3.54 -33.65 13.67
C ARG C 122 -3.81 -32.42 14.50
N ARG C 123 -3.65 -31.23 13.93
CA ARG C 123 -3.91 -29.97 14.61
C ARG C 123 -5.31 -29.46 14.25
N ILE C 124 -5.84 -28.60 15.10
CA ILE C 124 -7.25 -28.23 15.02
C ILE C 124 -7.41 -26.71 14.85
N ILE C 125 -8.65 -26.26 14.74
CA ILE C 125 -8.98 -24.85 14.61
C ILE C 125 -10.25 -24.59 15.42
N LEU C 126 -10.24 -23.52 16.23
CA LEU C 126 -11.36 -23.19 17.11
C LEU C 126 -11.74 -21.73 16.90
N PRO C 127 -12.35 -21.40 15.77
CA PRO C 127 -12.68 -19.99 15.49
C PRO C 127 -13.63 -19.43 16.54
N ILE C 128 -13.53 -18.12 16.74
CA ILE C 128 -14.37 -17.40 17.70
C ILE C 128 -14.93 -16.20 16.95
N PHE C 129 -16.15 -16.33 16.45
CA PHE C 129 -16.77 -15.22 15.74
C PHE C 129 -16.96 -14.05 16.70
N TYR C 130 -17.33 -12.90 16.13
CA TYR C 130 -17.33 -11.67 16.91
C TYR C 130 -18.28 -10.68 16.25
N MET C 131 -19.34 -10.30 16.95
CA MET C 131 -20.29 -9.31 16.47
C MET C 131 -20.96 -9.72 15.16
N VAL C 132 -20.16 -10.07 14.15
CA VAL C 132 -20.69 -10.38 12.83
C VAL C 132 -21.46 -11.68 12.90
N ASP C 133 -22.32 -11.89 11.91
CA ASP C 133 -23.11 -13.10 11.85
C ASP C 133 -22.24 -14.27 11.39
N PRO C 134 -22.63 -15.49 11.71
CA PRO C 134 -21.94 -16.66 11.14
C PRO C 134 -22.52 -17.04 9.80
N SER C 135 -23.11 -16.07 9.10
CA SER C 135 -23.59 -16.28 7.75
C SER C 135 -22.92 -15.38 6.72
N ASP C 136 -22.34 -14.25 7.14
CA ASP C 136 -21.53 -13.43 6.27
C ASP C 136 -20.07 -13.84 6.25
N VAL C 137 -19.77 -15.08 6.64
CA VAL C 137 -18.43 -15.62 6.52
C VAL C 137 -18.34 -16.76 5.52
N ARG C 138 -19.45 -17.40 5.17
CA ARG C 138 -19.43 -18.48 4.20
C ARG C 138 -19.68 -18.01 2.78
N HIS C 139 -20.04 -16.74 2.59
CA HIS C 139 -20.30 -16.23 1.25
C HIS C 139 -19.73 -14.84 1.02
N GLN C 140 -18.96 -14.31 1.96
CA GLN C 140 -18.26 -13.03 1.82
C GLN C 140 -19.20 -11.88 1.49
N THR C 141 -20.50 -12.05 1.70
CA THR C 141 -21.48 -11.01 1.44
C THR C 141 -21.81 -10.26 2.71
N GLY C 142 -22.59 -9.19 2.57
CA GLY C 142 -22.99 -8.40 3.70
C GLY C 142 -22.05 -7.26 4.03
N CYS C 143 -21.17 -7.47 5.01
CA CYS C 143 -20.21 -6.46 5.42
C CYS C 143 -18.84 -6.66 4.78
N TYR C 144 -18.65 -7.72 3.99
CA TYR C 144 -17.39 -7.95 3.31
C TYR C 144 -17.44 -7.58 1.83
N LYS C 145 -18.63 -7.34 1.27
CA LYS C 145 -18.73 -7.11 -0.16
C LYS C 145 -17.97 -5.87 -0.59
N LYS C 146 -18.05 -4.80 0.21
CA LYS C 146 -17.28 -3.60 -0.11
C LYS C 146 -15.78 -3.87 -0.11
N ALA C 147 -15.34 -4.85 0.67
CA ALA C 147 -13.92 -5.16 0.73
C ALA C 147 -13.44 -5.77 -0.58
N PHE C 148 -14.06 -6.87 -1.00
CA PHE C 148 -13.67 -7.52 -2.24
C PHE C 148 -14.14 -6.76 -3.48
N ARG C 149 -14.83 -5.63 -3.31
CA ARG C 149 -15.18 -4.77 -4.43
C ARG C 149 -14.00 -3.94 -4.91
N LYS C 150 -13.01 -3.71 -4.05
CA LYS C 150 -11.81 -2.97 -4.42
C LYS C 150 -10.55 -3.81 -4.44
N HIS C 151 -10.54 -4.97 -3.78
CA HIS C 151 -9.40 -5.87 -3.86
C HIS C 151 -9.28 -6.54 -5.23
N ALA C 152 -10.32 -6.47 -6.05
CA ALA C 152 -10.31 -7.10 -7.37
C ALA C 152 -9.67 -6.23 -8.44
N ASN C 153 -9.33 -4.99 -8.12
CA ASN C 153 -8.71 -4.10 -9.10
C ASN C 153 -7.18 -4.10 -9.03
N LYS C 154 -6.60 -4.75 -8.04
CA LYS C 154 -5.16 -4.68 -7.82
C LYS C 154 -4.48 -6.03 -7.92
N PHE C 155 -5.02 -7.06 -7.27
CA PHE C 155 -4.38 -8.37 -7.23
C PHE C 155 -4.82 -9.22 -8.41
N ASP C 156 -4.34 -10.45 -8.44
CA ASP C 156 -4.61 -11.37 -9.53
C ASP C 156 -6.10 -11.72 -9.57
N GLY C 157 -6.52 -12.30 -10.69
CA GLY C 157 -7.88 -12.79 -10.84
C GLY C 157 -8.11 -14.19 -10.32
N GLN C 158 -7.05 -14.89 -9.94
CA GLN C 158 -7.17 -16.21 -9.35
C GLN C 158 -6.77 -16.26 -7.88
N THR C 159 -5.90 -15.35 -7.44
CA THR C 159 -5.52 -15.32 -6.03
C THR C 159 -6.72 -15.03 -5.14
N ILE C 160 -7.64 -14.19 -5.62
CA ILE C 160 -8.84 -13.89 -4.85
C ILE C 160 -9.67 -15.15 -4.63
N GLN C 161 -9.79 -15.98 -5.67
CA GLN C 161 -10.47 -17.26 -5.52
C GLN C 161 -9.72 -18.18 -4.56
N ASN C 162 -8.42 -17.97 -4.37
CA ASN C 162 -7.67 -18.75 -3.41
C ASN C 162 -7.91 -18.29 -1.97
N TRP C 163 -8.42 -17.08 -1.77
CA TRP C 163 -8.78 -16.64 -0.43
C TRP C 163 -10.19 -17.08 -0.07
N LYS C 164 -11.14 -16.91 -0.99
CA LYS C 164 -12.54 -17.20 -0.68
C LYS C 164 -12.75 -18.69 -0.43
N ASP C 165 -12.20 -19.54 -1.29
CA ASP C 165 -12.34 -20.98 -1.07
C ASP C 165 -11.61 -21.45 0.18
N ALA C 166 -10.79 -20.59 0.78
CA ALA C 166 -10.14 -20.88 2.05
C ALA C 166 -10.78 -20.17 3.23
N LEU C 167 -11.33 -18.97 3.00
CA LEU C 167 -12.05 -18.29 4.07
C LEU C 167 -13.39 -18.95 4.34
N LYS C 168 -13.97 -19.59 3.34
CA LYS C 168 -15.29 -20.20 3.51
C LYS C 168 -15.23 -21.39 4.46
N LYS C 169 -14.25 -22.27 4.28
CA LYS C 169 -14.20 -23.48 5.08
C LYS C 169 -14.03 -23.19 6.57
N VAL C 170 -13.48 -22.03 6.93
CA VAL C 170 -13.38 -21.68 8.33
C VAL C 170 -14.76 -21.50 8.94
N GLY C 171 -15.71 -20.98 8.16
CA GLY C 171 -17.05 -20.73 8.66
C GLY C 171 -17.95 -21.95 8.69
N ASP C 172 -17.37 -23.14 8.79
CA ASP C 172 -18.14 -24.37 8.93
C ASP C 172 -17.79 -25.17 10.18
N LEU C 173 -16.70 -24.84 10.87
CA LEU C 173 -16.30 -25.55 12.08
C LEU C 173 -17.08 -25.01 13.28
N LYS C 174 -16.75 -25.53 14.46
CA LYS C 174 -17.41 -25.09 15.68
C LYS C 174 -16.94 -23.70 16.05
N GLY C 175 -17.73 -23.01 16.88
CA GLY C 175 -17.33 -21.68 17.30
C GLY C 175 -18.28 -20.93 18.20
N TRP C 176 -17.73 -20.29 19.23
CA TRP C 176 -18.52 -19.49 20.16
C TRP C 176 -18.90 -18.17 19.51
N HIS C 177 -20.19 -17.97 19.26
CA HIS C 177 -20.66 -16.67 18.82
C HIS C 177 -20.77 -15.74 20.03
N ILE C 178 -20.56 -14.45 19.80
CA ILE C 178 -20.63 -13.45 20.86
C ILE C 178 -21.50 -12.31 20.35
N GLY C 179 -22.76 -12.30 20.76
CA GLY C 179 -23.66 -11.23 20.39
C GLY C 179 -23.35 -9.95 21.17
N LYS C 180 -24.27 -9.00 21.08
CA LYS C 180 -24.10 -7.73 21.76
C LYS C 180 -24.43 -7.78 23.25
N ASP C 181 -24.91 -8.92 23.75
CA ASP C 181 -25.28 -9.05 25.15
C ASP C 181 -24.35 -9.94 25.95
N ASP C 182 -23.74 -10.95 25.33
CA ASP C 182 -22.92 -11.90 26.07
C ASP C 182 -21.79 -11.17 26.80
N GLU C 183 -21.59 -11.53 28.06
CA GLU C 183 -20.59 -10.88 28.89
C GLU C 183 -19.19 -11.31 28.45
N GLN C 184 -18.43 -10.39 27.88
CA GLN C 184 -17.13 -10.71 27.32
C GLN C 184 -16.12 -11.01 28.41
N GLY C 185 -16.52 -11.79 29.40
CA GLY C 185 -15.63 -12.23 30.45
C GLY C 185 -15.68 -13.74 30.62
N ALA C 186 -16.87 -14.26 30.91
CA ALA C 186 -17.01 -15.71 31.06
C ALA C 186 -16.70 -16.44 29.77
N ILE C 187 -17.02 -15.83 28.62
CA ILE C 187 -16.66 -16.43 27.34
C ILE C 187 -15.17 -16.66 27.26
N ALA C 188 -14.38 -15.73 27.80
CA ALA C 188 -12.94 -15.92 27.85
C ALA C 188 -12.58 -17.07 28.79
N ASP C 189 -13.22 -17.13 29.95
CA ASP C 189 -12.93 -18.21 30.89
C ASP C 189 -13.43 -19.55 30.37
N LYS C 190 -14.59 -19.55 29.72
CA LYS C 190 -15.11 -20.80 29.17
C LYS C 190 -14.26 -21.31 28.03
N VAL C 191 -13.66 -20.41 27.24
CA VAL C 191 -12.88 -20.82 26.07
C VAL C 191 -11.42 -21.07 26.39
N SER C 192 -10.94 -20.66 27.56
CA SER C 192 -9.57 -21.00 27.95
C SER C 192 -9.48 -22.45 28.39
N ALA C 193 -10.44 -22.93 29.17
CA ALA C 193 -10.42 -24.30 29.64
C ALA C 193 -10.53 -25.28 28.49
N ASP C 194 -11.32 -24.95 27.47
CA ASP C 194 -11.43 -25.82 26.30
C ASP C 194 -10.14 -25.88 25.50
N ILE C 195 -9.24 -24.91 25.70
CA ILE C 195 -7.91 -25.02 25.09
C ILE C 195 -6.94 -25.72 26.01
N TRP C 196 -7.09 -25.55 27.32
CA TRP C 196 -6.23 -26.24 28.27
C TRP C 196 -6.57 -27.72 28.37
N SER C 197 -7.83 -28.09 28.12
CA SER C 197 -8.24 -29.48 28.21
C SER C 197 -7.60 -30.36 27.15
N HIS C 198 -7.20 -29.78 26.01
CA HIS C 198 -6.51 -30.53 24.97
C HIS C 198 -5.01 -30.60 25.23
N ILE C 199 -4.55 -30.19 26.40
CA ILE C 199 -3.14 -30.23 26.77
C ILE C 199 -2.89 -31.21 27.92
N SER C 200 -3.72 -31.13 28.97
CA SER C 200 -3.56 -32.04 30.10
C SER C 200 -3.99 -33.46 29.72
N LYS C 201 -5.19 -33.61 29.17
CA LYS C 201 -5.68 -34.93 28.79
C LYS C 201 -4.94 -35.48 27.57
N GLU C 202 -4.34 -34.62 26.76
CA GLU C 202 -3.57 -35.03 25.59
C GLU C 202 -4.41 -35.88 24.64
N VAL D 33 0.85 13.66 -34.64
CA VAL D 33 -0.26 13.01 -33.94
C VAL D 33 0.29 12.35 -32.67
N GLU D 34 1.61 12.27 -32.57
CA GLU D 34 2.22 11.73 -31.37
C GLU D 34 2.40 12.83 -30.32
N TYR D 35 2.60 12.40 -29.08
CA TYR D 35 2.74 13.35 -27.99
C TYR D 35 3.99 14.20 -28.15
N ASP D 36 3.94 15.42 -27.64
CA ASP D 36 5.10 16.28 -27.59
C ASP D 36 5.40 16.85 -26.21
N VAL D 37 4.48 16.70 -25.25
CA VAL D 37 4.67 17.18 -23.89
C VAL D 37 4.12 16.12 -22.94
N PHE D 38 4.87 15.83 -21.89
CA PHE D 38 4.47 14.86 -20.87
C PHE D 38 4.69 15.47 -19.50
N LEU D 39 3.64 15.46 -18.68
CA LEU D 39 3.67 16.07 -17.36
C LEU D 39 3.77 15.00 -16.28
N SER D 40 3.78 15.45 -15.03
CA SER D 40 3.80 14.60 -13.84
C SER D 40 3.71 15.51 -12.63
N PHE D 41 2.81 15.21 -11.71
CA PHE D 41 2.55 16.11 -10.59
C PHE D 41 2.08 15.31 -9.39
N ARG D 42 2.18 15.95 -8.22
CA ARG D 42 1.60 15.39 -7.02
C ARG D 42 0.09 15.27 -7.19
N GLY D 43 -0.53 14.39 -6.40
CA GLY D 43 -1.92 14.07 -6.58
C GLY D 43 -2.86 15.16 -6.09
N PRO D 44 -3.36 15.00 -4.88
CA PRO D 44 -4.37 15.93 -4.37
C PRO D 44 -3.80 17.26 -3.91
N ASP D 45 -2.56 17.54 -4.29
CA ASP D 45 -1.93 18.78 -3.85
C ASP D 45 -2.08 19.88 -4.91
N THR D 46 -1.67 19.61 -6.15
CA THR D 46 -1.61 20.61 -7.20
C THR D 46 -2.25 20.10 -8.48
N ARG D 47 -3.36 19.36 -8.36
CA ARG D 47 -4.05 18.83 -9.52
C ARG D 47 -5.19 19.72 -10.00
N LYS D 48 -5.83 20.47 -9.10
CA LYS D 48 -7.00 21.24 -9.48
C LYS D 48 -6.83 22.73 -9.24
N GLN D 49 -5.63 23.27 -9.45
CA GLN D 49 -5.44 24.70 -9.26
C GLN D 49 -4.45 25.28 -10.25
N PHE D 50 -3.26 24.69 -10.34
CA PHE D 50 -2.24 25.21 -11.25
C PHE D 50 -2.00 24.34 -12.47
N THR D 51 -1.95 23.01 -12.31
CA THR D 51 -1.65 22.16 -13.47
C THR D 51 -2.74 22.26 -14.52
N ASP D 52 -4.01 22.21 -14.10
CA ASP D 52 -5.10 22.37 -15.06
C ASP D 52 -5.12 23.78 -15.64
N PHE D 53 -4.78 24.78 -14.82
CA PHE D 53 -4.62 26.14 -15.33
C PHE D 53 -3.60 26.22 -16.44
N LEU D 54 -2.68 25.25 -16.52
CA LEU D 54 -1.63 25.21 -17.52
C LEU D 54 -1.97 24.28 -18.68
N TYR D 55 -2.61 23.14 -18.39
CA TYR D 55 -2.88 22.16 -19.42
C TYR D 55 -3.85 22.70 -20.47
N HIS D 56 -4.85 23.46 -20.04
CA HIS D 56 -5.76 24.08 -21.00
C HIS D 56 -5.03 25.11 -21.85
N PHE D 57 -4.21 25.95 -21.21
CA PHE D 57 -3.50 26.98 -21.95
C PHE D 57 -2.61 26.36 -23.02
N LEU D 58 -2.04 25.20 -22.76
CA LEU D 58 -1.26 24.52 -23.79
C LEU D 58 -2.15 24.02 -24.92
N CYS D 59 -3.40 23.68 -24.61
CA CYS D 59 -4.29 23.20 -25.65
C CYS D 59 -4.74 24.33 -26.57
N TYR D 60 -4.65 25.57 -26.12
CA TYR D 60 -4.90 26.70 -27.00
C TYR D 60 -3.68 27.13 -27.78
N TYR D 61 -2.58 26.37 -27.72
CA TYR D 61 -1.42 26.61 -28.55
C TYR D 61 -1.19 25.49 -29.56
N LYS D 62 -2.16 24.57 -29.70
CA LYS D 62 -2.13 23.53 -30.71
C LYS D 62 -0.89 22.63 -30.55
N ILE D 63 -0.82 22.02 -29.37
CA ILE D 63 0.23 21.04 -29.07
C ILE D 63 -0.38 19.92 -28.23
N HIS D 64 -0.42 18.72 -28.78
CA HIS D 64 -1.09 17.59 -28.15
C HIS D 64 -0.34 17.19 -26.89
N THR D 65 -1.01 17.25 -25.75
CA THR D 65 -0.40 17.03 -24.44
C THR D 65 -0.94 15.76 -23.80
N PHE D 66 -0.13 15.13 -22.96
CA PHE D 66 -0.50 13.88 -22.31
C PHE D 66 -0.37 14.02 -20.80
N ARG D 67 -1.49 13.84 -20.10
CA ARG D 67 -1.48 13.62 -18.67
C ARG D 67 -2.40 12.45 -18.36
N ASP D 68 -2.04 11.67 -17.34
CA ASP D 68 -2.77 10.46 -17.01
C ASP D 68 -3.52 10.64 -15.71
N ASP D 69 -4.76 10.14 -15.69
CA ASP D 69 -5.65 10.31 -14.54
C ASP D 69 -5.85 9.06 -13.70
N ASP D 70 -5.83 7.87 -14.31
CA ASP D 70 -6.00 6.64 -13.54
C ASP D 70 -4.82 6.44 -12.60
N GLU D 71 -5.12 6.02 -11.37
CA GLU D 71 -4.11 5.81 -10.36
C GLU D 71 -3.20 4.62 -10.67
N LEU D 72 -3.50 3.87 -11.73
CA LEU D 72 -2.71 2.71 -12.14
C LEU D 72 -2.67 1.67 -11.03
N ARG D 73 -1.50 1.51 -10.39
CA ARG D 73 -1.30 0.57 -9.29
C ARG D 73 -1.42 -0.89 -9.74
N LYS D 74 -2.13 -1.13 -10.82
CA LYS D 74 -2.38 -2.47 -11.32
C LYS D 74 -1.10 -3.11 -11.84
N GLY D 75 -0.16 -3.41 -10.94
CA GLY D 75 1.10 -4.02 -11.30
C GLY D 75 2.27 -3.22 -10.73
N LYS D 76 3.38 -3.21 -11.48
CA LYS D 76 4.57 -2.46 -11.11
C LYS D 76 4.84 -1.28 -12.01
N GLU D 77 4.61 -1.42 -13.31
CA GLU D 77 4.61 -0.28 -14.23
C GLU D 77 3.86 -0.72 -15.48
N ILE D 78 2.76 -0.01 -15.78
CA ILE D 78 1.89 -0.41 -16.87
C ILE D 78 2.66 -0.39 -18.19
N GLY D 79 2.27 -1.28 -19.10
CA GLY D 79 2.93 -1.42 -20.37
C GLY D 79 2.56 -0.32 -21.34
N PRO D 80 1.79 -0.66 -22.37
CA PRO D 80 1.44 0.34 -23.39
C PRO D 80 0.48 1.40 -22.88
N ASN D 81 0.88 2.13 -21.84
CA ASN D 81 0.13 3.27 -21.35
C ASN D 81 1.14 4.31 -20.92
N LEU D 82 1.53 4.35 -19.64
CA LEU D 82 2.56 5.30 -19.21
C LEU D 82 3.88 5.04 -19.91
N LEU D 83 4.41 3.82 -19.78
CA LEU D 83 5.70 3.48 -20.36
C LEU D 83 5.71 3.61 -21.87
N ARG D 84 4.55 3.76 -22.51
CA ARG D 84 4.51 4.02 -23.94
C ARG D 84 4.63 5.52 -24.22
N ALA D 85 4.00 6.34 -23.37
CA ALA D 85 4.01 7.78 -23.60
C ALA D 85 5.37 8.40 -23.38
N ILE D 86 6.24 7.75 -22.60
CA ILE D 86 7.56 8.32 -22.34
C ILE D 86 8.36 8.44 -23.64
N ASP D 87 8.43 7.34 -24.40
CA ASP D 87 9.20 7.33 -25.64
C ASP D 87 8.57 8.17 -26.75
N GLN D 88 7.27 8.42 -26.70
CA GLN D 88 6.60 9.18 -27.74
C GLN D 88 6.67 10.68 -27.52
N SER D 89 6.89 11.13 -26.29
CA SER D 89 6.90 12.55 -25.99
C SER D 89 8.20 13.19 -26.50
N LYS D 90 8.47 14.39 -26.04
CA LYS D 90 9.63 15.12 -26.52
C LYS D 90 10.15 16.16 -25.53
N ILE D 91 9.30 16.71 -24.67
CA ILE D 91 9.68 17.79 -23.76
C ILE D 91 9.06 17.48 -22.41
N TYR D 92 9.79 16.76 -21.57
CA TYR D 92 9.29 16.43 -20.23
C TYR D 92 9.22 17.67 -19.36
N VAL D 93 8.14 17.82 -18.60
CA VAL D 93 7.99 18.96 -17.71
C VAL D 93 7.56 18.48 -16.33
N PRO D 94 8.46 17.94 -15.52
CA PRO D 94 8.06 17.46 -14.19
C PRO D 94 7.86 18.61 -13.21
N ILE D 95 6.66 18.65 -12.62
CA ILE D 95 6.27 19.71 -11.70
C ILE D 95 6.47 19.26 -10.27
N ILE D 96 7.62 19.60 -9.69
CA ILE D 96 7.89 19.21 -8.31
C ILE D 96 7.08 20.10 -7.37
N SER D 97 6.21 19.48 -6.58
CA SER D 97 5.37 20.19 -5.63
C SER D 97 6.07 20.25 -4.27
N SER D 98 5.28 20.19 -3.20
CA SER D 98 5.81 20.26 -1.84
C SER D 98 6.05 18.91 -1.22
N GLY D 99 5.14 17.96 -1.38
CA GLY D 99 5.32 16.63 -0.86
C GLY D 99 5.42 15.60 -1.96
N TYR D 100 6.16 15.95 -3.01
CA TYR D 100 6.25 15.15 -4.22
C TYR D 100 6.98 13.83 -4.02
N ALA D 101 7.61 13.62 -2.89
CA ALA D 101 8.40 12.42 -2.66
C ALA D 101 7.72 11.41 -1.76
N ASP D 102 6.50 11.67 -1.32
CA ASP D 102 5.80 10.75 -0.44
C ASP D 102 5.08 9.65 -1.21
N SER D 103 4.50 9.97 -2.36
CA SER D 103 3.80 8.98 -3.15
C SER D 103 4.81 8.05 -3.83
N LYS D 104 4.78 6.78 -3.43
CA LYS D 104 5.73 5.77 -3.91
C LYS D 104 5.74 5.62 -5.42
N TRP D 105 4.67 6.00 -6.12
CA TRP D 105 4.66 5.87 -7.57
C TRP D 105 5.48 6.95 -8.24
N CYS D 106 5.46 8.16 -7.67
CA CYS D 106 6.02 9.30 -8.37
C CYS D 106 7.52 9.15 -8.58
N LEU D 107 8.25 8.77 -7.53
CA LEU D 107 9.71 8.74 -7.63
C LEU D 107 10.17 7.74 -8.69
N MET D 108 9.70 6.49 -8.61
CA MET D 108 10.16 5.49 -9.56
C MET D 108 9.56 5.70 -10.93
N GLU D 109 8.59 6.61 -11.04
CA GLU D 109 8.20 7.15 -12.33
C GLU D 109 9.19 8.20 -12.80
N LEU D 110 9.64 9.09 -11.91
CA LEU D 110 10.58 10.11 -12.32
C LEU D 110 11.95 9.53 -12.60
N ALA D 111 12.34 8.46 -11.90
CA ALA D 111 13.62 7.82 -12.18
C ALA D 111 13.69 7.27 -13.59
N GLU D 112 12.56 7.18 -14.28
CA GLU D 112 12.53 6.71 -15.65
C GLU D 112 12.79 7.82 -16.66
N ILE D 113 12.47 9.06 -16.32
CA ILE D 113 12.68 10.16 -17.25
C ILE D 113 14.17 10.45 -17.38
N VAL D 114 14.84 10.70 -16.26
CA VAL D 114 16.23 11.13 -16.29
C VAL D 114 17.14 10.03 -16.83
N ARG D 115 16.69 8.77 -16.83
CA ARG D 115 17.50 7.72 -17.42
C ARG D 115 17.34 7.65 -18.92
N ARG D 116 16.10 7.82 -19.41
CA ARG D 116 15.88 7.89 -20.85
C ARG D 116 16.54 9.11 -21.47
N GLN D 117 16.74 10.17 -20.68
CA GLN D 117 17.38 11.37 -21.21
C GLN D 117 18.84 11.13 -21.53
N GLU D 118 19.57 10.45 -20.64
CA GLU D 118 21.00 10.27 -20.82
C GLU D 118 21.36 9.28 -21.91
N GLU D 119 20.42 8.42 -22.31
CA GLU D 119 20.74 7.42 -23.33
C GLU D 119 20.67 8.01 -24.73
N ASP D 120 19.65 8.83 -25.01
CA ASP D 120 19.51 9.52 -26.28
C ASP D 120 19.25 10.98 -26.02
N PRO D 121 20.29 11.80 -25.88
CA PRO D 121 20.09 13.19 -25.41
C PRO D 121 19.44 14.11 -26.44
N ARG D 122 18.44 13.62 -27.16
CA ARG D 122 17.75 14.47 -28.11
C ARG D 122 16.71 15.35 -27.46
N ARG D 123 16.19 14.96 -26.29
CA ARG D 123 15.14 15.67 -25.61
C ARG D 123 15.69 16.41 -24.38
N ILE D 124 14.81 17.17 -23.74
CA ILE D 124 15.24 18.07 -22.66
C ILE D 124 14.31 17.95 -21.45
N ILE D 125 14.53 18.80 -20.44
CA ILE D 125 13.71 18.85 -19.25
C ILE D 125 13.54 20.30 -18.85
N LEU D 126 12.33 20.69 -18.47
CA LEU D 126 12.02 22.05 -18.04
C LEU D 126 11.28 22.01 -16.71
N PRO D 127 11.99 21.71 -15.62
CA PRO D 127 11.30 21.59 -14.32
C PRO D 127 10.74 22.93 -13.89
N ILE D 128 9.63 22.87 -13.16
CA ILE D 128 8.95 24.07 -12.64
C ILE D 128 8.75 23.83 -11.15
N PHE D 129 9.67 24.35 -10.34
CA PHE D 129 9.54 24.18 -8.90
C PHE D 129 8.27 24.87 -8.39
N TYR D 130 7.96 24.62 -7.12
CA TYR D 130 6.69 25.07 -6.57
C TYR D 130 6.82 25.04 -5.06
N MET D 131 6.58 26.18 -4.40
CA MET D 131 6.61 26.28 -2.94
C MET D 131 7.98 25.92 -2.37
N VAL D 132 8.46 24.72 -2.66
CA VAL D 132 9.67 24.21 -2.04
C VAL D 132 10.87 24.99 -2.58
N ASP D 133 11.86 25.18 -1.72
CA ASP D 133 13.08 25.86 -2.12
C ASP D 133 13.86 24.97 -3.09
N PRO D 134 14.67 25.56 -3.94
CA PRO D 134 15.54 24.74 -4.79
C PRO D 134 16.79 24.29 -4.06
N SER D 135 16.85 24.57 -2.75
CA SER D 135 17.96 24.12 -1.92
C SER D 135 17.58 22.99 -0.96
N ASP D 136 16.29 22.71 -0.79
CA ASP D 136 15.82 21.55 -0.05
C ASP D 136 15.54 20.36 -0.96
N VAL D 137 15.91 20.46 -2.23
CA VAL D 137 15.75 19.34 -3.16
C VAL D 137 17.07 18.78 -3.63
N ARG D 138 18.18 19.51 -3.51
CA ARG D 138 19.50 18.98 -3.81
C ARG D 138 20.12 18.25 -2.63
N HIS D 139 19.44 18.22 -1.48
CA HIS D 139 19.97 17.52 -0.31
C HIS D 139 18.89 16.76 0.44
N GLN D 140 17.69 16.66 -0.10
CA GLN D 140 16.60 15.85 0.45
C GLN D 140 16.25 16.22 1.89
N THR D 141 16.67 17.39 2.35
CA THR D 141 16.44 17.80 3.72
C THR D 141 15.16 18.61 3.85
N GLY D 142 14.70 18.74 5.08
CA GLY D 142 13.52 19.54 5.38
C GLY D 142 12.22 18.78 5.27
N CYS D 143 11.42 19.13 4.26
CA CYS D 143 10.11 18.53 4.06
C CYS D 143 10.18 17.16 3.40
N TYR D 144 11.36 16.74 2.97
CA TYR D 144 11.56 15.42 2.36
C TYR D 144 12.22 14.43 3.30
N LYS D 145 13.00 14.89 4.27
CA LYS D 145 13.61 13.98 5.23
C LYS D 145 12.55 13.12 5.91
N LYS D 146 11.37 13.70 6.15
CA LYS D 146 10.27 12.94 6.72
C LYS D 146 9.79 11.86 5.77
N ALA D 147 9.91 12.08 4.46
CA ALA D 147 9.46 11.09 3.50
C ALA D 147 10.43 9.90 3.45
N PHE D 148 11.72 10.19 3.31
CA PHE D 148 12.72 9.13 3.25
C PHE D 148 13.07 8.55 4.62
N ARG D 149 12.36 8.96 5.68
CA ARG D 149 12.56 8.38 7.00
C ARG D 149 11.85 7.04 7.15
N LYS D 150 10.79 6.80 6.38
CA LYS D 150 10.03 5.56 6.46
C LYS D 150 10.19 4.65 5.25
N HIS D 151 10.65 5.17 4.12
CA HIS D 151 10.85 4.32 2.94
C HIS D 151 11.96 3.31 3.15
N ALA D 152 12.84 3.51 4.12
CA ALA D 152 13.87 2.51 4.43
C ALA D 152 13.31 1.30 5.15
N ASN D 153 12.04 1.32 5.56
CA ASN D 153 11.41 0.19 6.21
C ASN D 153 10.63 -0.68 5.25
N LYS D 154 10.36 -0.21 4.03
CA LYS D 154 9.49 -0.92 3.11
C LYS D 154 10.22 -1.41 1.87
N PHE D 155 10.95 -0.54 1.18
CA PHE D 155 11.57 -0.92 -0.07
C PHE D 155 13.02 -1.35 0.15
N ASP D 156 13.63 -1.86 -0.91
CA ASP D 156 14.99 -2.37 -0.84
C ASP D 156 15.98 -1.24 -0.56
N GLY D 157 17.04 -1.57 0.17
CA GLY D 157 18.05 -0.60 0.54
C GLY D 157 18.85 -0.01 -0.60
N GLN D 158 18.75 -0.57 -1.80
CA GLN D 158 19.46 -0.05 -2.96
C GLN D 158 18.57 0.77 -3.88
N THR D 159 17.27 0.45 -3.98
CA THR D 159 16.38 1.24 -4.81
C THR D 159 16.31 2.68 -4.32
N ILE D 160 16.28 2.87 -2.99
CA ILE D 160 16.28 4.22 -2.44
C ILE D 160 17.51 4.99 -2.89
N GLN D 161 18.66 4.31 -2.95
CA GLN D 161 19.88 4.97 -3.39
C GLN D 161 19.76 5.49 -4.82
N ASN D 162 19.00 4.81 -5.68
CA ASN D 162 18.86 5.27 -7.06
C ASN D 162 17.89 6.43 -7.19
N TRP D 163 16.90 6.54 -6.30
CA TRP D 163 16.03 7.71 -6.33
C TRP D 163 16.74 8.93 -5.77
N LYS D 164 17.42 8.76 -4.62
CA LYS D 164 18.11 9.87 -3.98
C LYS D 164 19.14 10.49 -4.91
N ASP D 165 19.73 9.69 -5.81
CA ASP D 165 20.69 10.22 -6.77
C ASP D 165 20.04 10.63 -8.09
N ALA D 166 18.75 10.33 -8.29
CA ALA D 166 18.02 10.76 -9.46
C ALA D 166 17.16 11.98 -9.19
N LEU D 167 16.64 12.11 -7.98
CA LEU D 167 15.88 13.30 -7.62
C LEU D 167 16.78 14.52 -7.54
N LYS D 168 18.07 14.32 -7.30
CA LYS D 168 18.98 15.47 -7.14
C LYS D 168 19.29 16.10 -8.49
N LYS D 169 19.53 15.28 -9.51
CA LYS D 169 19.92 15.81 -10.81
C LYS D 169 18.87 16.72 -11.42
N VAL D 170 17.59 16.43 -11.20
CA VAL D 170 16.54 17.30 -11.73
C VAL D 170 16.67 18.70 -11.17
N GLY D 171 17.00 18.82 -9.88
CA GLY D 171 17.14 20.12 -9.25
C GLY D 171 18.43 20.85 -9.57
N ASP D 172 18.98 20.62 -10.76
CA ASP D 172 20.17 21.31 -11.22
C ASP D 172 19.96 22.10 -12.50
N LEU D 173 19.03 21.71 -13.36
CA LEU D 173 18.81 22.36 -14.62
C LEU D 173 18.16 23.73 -14.42
N LYS D 174 17.67 24.30 -15.52
CA LYS D 174 16.93 25.54 -15.44
C LYS D 174 15.60 25.32 -14.71
N GLY D 175 14.83 26.40 -14.55
CA GLY D 175 13.51 26.23 -13.98
C GLY D 175 12.89 27.46 -13.36
N TRP D 176 11.71 27.84 -13.87
CA TRP D 176 10.98 28.98 -13.32
C TRP D 176 10.60 28.68 -11.87
N HIS D 177 11.08 29.49 -10.94
CA HIS D 177 10.62 29.38 -9.57
C HIS D 177 9.32 30.16 -9.40
N ILE D 178 8.41 29.61 -8.61
CA ILE D 178 7.10 30.21 -8.37
C ILE D 178 6.89 30.25 -6.86
N GLY D 179 7.11 31.41 -6.26
CA GLY D 179 6.96 31.54 -4.83
C GLY D 179 5.51 31.52 -4.39
N LYS D 180 5.27 32.11 -3.22
CA LYS D 180 3.92 32.24 -2.69
C LYS D 180 3.18 33.46 -3.22
N ASP D 181 3.83 34.28 -4.04
CA ASP D 181 3.24 35.54 -4.49
C ASP D 181 3.19 35.69 -6.00
N ASP D 182 4.09 35.04 -6.73
CA ASP D 182 4.14 35.17 -8.18
C ASP D 182 2.78 34.85 -8.79
N GLU D 183 2.30 35.73 -9.66
CA GLU D 183 1.02 35.55 -10.32
C GLU D 183 1.08 34.29 -11.18
N GLN D 184 0.42 33.23 -10.71
CA GLN D 184 0.49 31.93 -11.37
C GLN D 184 -0.18 31.96 -12.73
N GLY D 185 -0.85 33.05 -13.05
CA GLY D 185 -1.40 33.23 -14.38
C GLY D 185 -0.37 33.76 -15.35
N ALA D 186 0.55 34.58 -14.85
CA ALA D 186 1.59 35.15 -15.71
C ALA D 186 2.63 34.10 -16.09
N ILE D 187 3.02 33.24 -15.15
CA ILE D 187 4.06 32.26 -15.44
C ILE D 187 3.56 31.21 -16.43
N ALA D 188 2.26 30.90 -16.37
CA ALA D 188 1.69 29.94 -17.31
C ALA D 188 1.90 30.38 -18.75
N ASP D 189 1.55 31.62 -19.06
CA ASP D 189 1.78 32.12 -20.42
C ASP D 189 3.26 32.19 -20.73
N LYS D 190 4.07 32.72 -19.81
CA LYS D 190 5.49 32.85 -20.05
C LYS D 190 6.15 31.49 -20.26
N VAL D 191 5.66 30.44 -19.60
CA VAL D 191 6.20 29.10 -19.80
C VAL D 191 5.59 28.40 -21.00
N SER D 192 4.55 28.97 -21.60
CA SER D 192 4.01 28.38 -22.82
C SER D 192 4.89 28.69 -24.01
N ALA D 193 5.34 29.94 -24.14
CA ALA D 193 6.15 30.33 -25.28
C ALA D 193 7.46 29.56 -25.33
N ASP D 194 8.11 29.39 -24.18
CA ASP D 194 9.37 28.66 -24.14
C ASP D 194 9.21 27.20 -24.56
N ILE D 195 8.01 26.65 -24.45
CA ILE D 195 7.78 25.31 -24.96
C ILE D 195 7.51 25.32 -26.46
N TRP D 196 6.76 26.31 -26.95
CA TRP D 196 6.42 26.33 -28.37
C TRP D 196 7.60 26.75 -29.22
N SER D 197 8.52 27.55 -28.68
CA SER D 197 9.65 28.02 -29.47
C SER D 197 10.60 26.90 -29.86
N HIS D 198 10.54 25.76 -29.17
CA HIS D 198 11.41 24.64 -29.47
C HIS D 198 10.80 23.67 -30.48
N ILE D 199 9.72 24.06 -31.15
CA ILE D 199 9.00 23.18 -32.07
C ILE D 199 9.04 23.70 -33.50
N SER D 200 8.73 24.97 -33.68
CA SER D 200 8.65 25.53 -35.03
C SER D 200 10.03 25.63 -35.68
N LYS D 201 10.99 26.24 -34.97
CA LYS D 201 12.33 26.43 -35.54
C LYS D 201 13.08 25.11 -35.72
N GLU D 202 12.55 24.00 -35.19
CA GLU D 202 13.15 22.68 -35.38
C GLU D 202 14.58 22.62 -34.84
#